data_5I66
#
_entry.id   5I66
#
_cell.length_a   81.560
_cell.length_b   81.560
_cell.length_c   142.170
_cell.angle_alpha   90.00
_cell.angle_beta   90.00
_cell.angle_gamma   90.00
#
_symmetry.space_group_name_H-M   'P 43 21 2'
#
loop_
_entity.id
_entity.type
_entity.pdbx_description
1 polymer '8B6 antibody, heavy chain'
2 polymer '8B6 antibody, light chain'
3 water water
#
loop_
_entity_poly.entity_id
_entity_poly.type
_entity_poly.pdbx_seq_one_letter_code
_entity_poly.pdbx_strand_id
1 'polypeptide(L)'
;EVQLQQSGPELVKPGASVKISCKASGYTFTDYYMNWVKQSHGKSLEWIGNINPNNGGTSYNQKFKGKATLTVDKSSTTAY
MELRSLTSEDSAVYYCTRSPVRPYYFDYWGQGTTLTVSSAKTTPPSVYPLAPGCGDTTGSSVTLGCLVKGYFPESVTVTW
NSGSLSSSVHTFPALLQSGLYTMSSSVTVPSSTWPSQTVTCSVAHPASSTTVDKKLEPSGP
;
A
2 'polypeptide(L)'
;DIVMTQSHKFMSTSVGDRVSITCKASQDVSTAVAWYQQKPGQSPKLLIYSASYRYTGVPDRFTGSGSGTDFTFTISSVQA
EDLAVYYCQQHYSIPRTFGGGTKLEIKRADAAPTVSIFPPSSEQLTSGGASVVCFLNNFYPKDINVKWKIDGSERQNGVL
NSWTDQDSKDSTYSMSSTLTLTKDEYERHNSYTCEATHKTSTSPIVKSFNRNEC
;
B
#
# COMPACT_ATOMS: atom_id res chain seq x y z
N GLU A 1 -14.42 -7.82 19.28
CA GLU A 1 -14.85 -7.45 17.93
C GLU A 1 -14.51 -8.58 16.96
N VAL A 2 -15.09 -8.49 15.76
CA VAL A 2 -14.81 -9.48 14.74
C VAL A 2 -13.39 -9.30 14.25
N GLN A 3 -12.67 -10.40 14.10
CA GLN A 3 -11.31 -10.36 13.58
C GLN A 3 -11.16 -11.52 12.63
N LEU A 4 -10.64 -11.26 11.45
CA LEU A 4 -10.24 -12.33 10.55
C LEU A 4 -8.74 -12.17 10.43
N GLN A 5 -8.00 -13.10 11.02
CA GLN A 5 -6.55 -13.01 11.09
C GLN A 5 -5.98 -13.99 10.09
N GLN A 6 -5.37 -13.47 9.04
CA GLN A 6 -4.84 -14.35 8.03
C GLN A 6 -3.42 -14.69 8.34
N SER A 7 -2.97 -15.82 7.80
CA SER A 7 -1.60 -16.24 7.93
C SER A 7 -0.69 -15.30 7.15
N GLY A 8 0.59 -15.35 7.48
CA GLY A 8 1.50 -14.34 7.04
C GLY A 8 1.87 -14.53 5.59
N PRO A 9 2.70 -13.62 5.10
CA PRO A 9 3.08 -13.67 3.69
C PRO A 9 3.75 -14.99 3.33
N GLU A 10 3.56 -15.36 2.05
CA GLU A 10 4.01 -16.62 1.53
C GLU A 10 4.92 -16.35 0.33
N LEU A 11 6.06 -16.98 0.32
CA LEU A 11 6.91 -17.05 -0.85
C LEU A 11 6.98 -18.52 -1.20
N VAL A 12 6.52 -18.86 -2.40
CA VAL A 12 6.38 -20.24 -2.82
C VAL A 12 7.00 -20.35 -4.19
N LYS A 13 7.60 -21.49 -4.46
CA LYS A 13 8.19 -21.64 -5.75
C LYS A 13 7.10 -22.00 -6.76
N PRO A 14 7.31 -21.69 -8.03
CA PRO A 14 6.32 -22.09 -9.02
C PRO A 14 6.12 -23.59 -9.00
N GLY A 15 4.87 -23.99 -9.22
CA GLY A 15 4.49 -25.37 -9.24
C GLY A 15 4.09 -25.88 -7.89
N ALA A 16 4.44 -25.15 -6.85
CA ALA A 16 4.11 -25.54 -5.49
C ALA A 16 2.67 -25.18 -5.21
N SER A 17 2.24 -25.58 -4.04
CA SER A 17 0.96 -25.20 -3.49
C SER A 17 1.20 -24.40 -2.22
N VAL A 18 0.18 -23.68 -1.84
CA VAL A 18 0.23 -22.97 -0.58
C VAL A 18 -1.14 -23.09 0.04
N LYS A 19 -1.15 -23.08 1.37
CA LYS A 19 -2.41 -23.06 2.08
C LYS A 19 -2.38 -21.87 3.02
N ILE A 20 -3.27 -20.97 2.79
CA ILE A 20 -3.42 -19.75 3.55
C ILE A 20 -4.56 -19.95 4.50
N SER A 21 -4.44 -19.39 5.70
CA SER A 21 -5.47 -19.59 6.68
C SER A 21 -6.06 -18.24 7.06
N CYS A 22 -7.24 -18.33 7.63
CA CYS A 22 -7.98 -17.18 8.08
C CYS A 22 -8.65 -17.57 9.38
N LYS A 23 -8.08 -17.12 10.49
CA LYS A 23 -8.59 -17.42 11.81
C LYS A 23 -9.64 -16.38 12.13
N ALA A 24 -10.87 -16.84 12.28
CA ALA A 24 -12.00 -15.99 12.58
C ALA A 24 -12.20 -15.98 14.08
N SER A 25 -12.44 -14.80 14.63
CA SER A 25 -12.80 -14.69 16.03
C SER A 25 -13.80 -13.55 16.18
N GLY A 26 -14.46 -13.56 17.31
CA GLY A 26 -15.36 -12.46 17.65
C GLY A 26 -16.76 -12.63 17.12
N TYR A 27 -17.10 -13.77 16.56
CA TYR A 27 -18.46 -14.01 16.08
C TYR A 27 -18.67 -15.51 15.96
N THR A 28 -19.93 -15.89 15.73
CA THR A 28 -20.31 -17.28 15.57
C THR A 28 -19.82 -17.74 14.22
N PHE A 29 -18.72 -18.48 14.20
CA PHE A 29 -18.05 -18.81 12.95
C PHE A 29 -19.00 -19.45 11.94
N THR A 30 -19.90 -20.32 12.41
CA THR A 30 -20.77 -21.06 11.52
C THR A 30 -21.96 -20.26 11.02
N ASP A 31 -22.13 -19.01 11.45
CA ASP A 31 -23.24 -18.20 10.98
C ASP A 31 -22.91 -17.39 9.75
N TYR A 32 -21.67 -17.44 9.27
CA TYR A 32 -21.24 -16.62 8.15
C TYR A 32 -20.47 -17.49 7.19
N TYR A 33 -20.61 -17.17 5.91
CA TYR A 33 -19.74 -17.78 4.92
C TYR A 33 -18.35 -17.19 5.03
N MET A 34 -17.35 -17.96 4.66
CA MET A 34 -16.03 -17.38 4.49
C MET A 34 -15.79 -17.36 3.01
N ASN A 35 -15.33 -16.22 2.54
CA ASN A 35 -15.03 -16.00 1.15
C ASN A 35 -13.55 -15.76 1.01
N TRP A 36 -13.05 -16.01 -0.17
CA TRP A 36 -11.68 -15.69 -0.46
C TRP A 36 -11.68 -14.84 -1.70
N VAL A 37 -10.82 -13.84 -1.69
CA VAL A 37 -10.77 -12.83 -2.72
C VAL A 37 -9.32 -12.64 -3.09
N LYS A 38 -9.06 -12.59 -4.38
CA LYS A 38 -7.74 -12.35 -4.87
C LYS A 38 -7.63 -10.90 -5.28
N GLN A 39 -6.49 -10.29 -5.02
CA GLN A 39 -6.27 -8.98 -5.56
C GLN A 39 -4.83 -8.95 -6.04
N SER A 40 -4.66 -9.07 -7.35
CA SER A 40 -3.36 -8.86 -7.93
C SER A 40 -2.96 -7.41 -7.75
N HIS A 41 -1.65 -7.18 -7.75
CA HIS A 41 -1.15 -5.85 -7.51
C HIS A 41 -1.73 -4.88 -8.52
N GLY A 42 -2.31 -3.80 -8.02
CA GLY A 42 -2.85 -2.77 -8.88
C GLY A 42 -4.14 -3.15 -9.57
N LYS A 43 -4.73 -4.28 -9.22
CA LYS A 43 -5.91 -4.76 -9.90
C LYS A 43 -7.08 -4.84 -8.93
N SER A 44 -8.21 -5.21 -9.47
CA SER A 44 -9.42 -5.25 -8.69
C SER A 44 -9.51 -6.53 -7.88
N LEU A 45 -10.60 -6.62 -7.16
CA LEU A 45 -10.91 -7.77 -6.33
C LEU A 45 -11.57 -8.84 -7.17
N GLU A 46 -11.14 -10.06 -6.96
CA GLU A 46 -11.70 -11.21 -7.67
C GLU A 46 -12.17 -12.21 -6.63
N TRP A 47 -13.43 -12.58 -6.69
CA TRP A 47 -13.95 -13.53 -5.73
C TRP A 47 -13.58 -14.94 -6.16
N ILE A 48 -12.92 -15.66 -5.28
CA ILE A 48 -12.46 -17.00 -5.57
C ILE A 48 -13.54 -18.03 -5.29
N GLY A 49 -14.17 -17.90 -4.14
CA GLY A 49 -15.20 -18.84 -3.76
C GLY A 49 -15.55 -18.61 -2.31
N ASN A 50 -16.49 -19.40 -1.84
CA ASN A 50 -16.80 -19.33 -0.44
C ASN A 50 -16.97 -20.73 0.10
N ILE A 51 -17.04 -20.79 1.42
CA ILE A 51 -17.25 -22.04 2.11
C ILE A 51 -18.22 -21.76 3.23
N ASN A 52 -19.15 -22.65 3.38
CA ASN A 52 -20.11 -22.59 4.46
C ASN A 52 -19.46 -23.31 5.63
N PRO A 53 -19.07 -22.63 6.70
CA PRO A 53 -18.38 -23.33 7.79
C PRO A 53 -19.25 -24.38 8.43
N ASN A 54 -20.56 -24.20 8.36
CA ASN A 54 -21.48 -25.11 9.00
C ASN A 54 -21.33 -26.54 8.47
N ASN A 55 -21.17 -26.69 7.15
CA ASN A 55 -21.15 -28.02 6.53
C ASN A 55 -20.01 -28.23 5.55
N GLY A 56 -19.12 -27.25 5.39
CA GLY A 56 -18.01 -27.37 4.48
C GLY A 56 -18.41 -27.22 3.05
N GLY A 57 -19.66 -26.89 2.76
CA GLY A 57 -20.06 -26.70 1.38
C GLY A 57 -19.31 -25.53 0.77
N THR A 58 -18.89 -25.71 -0.47
CA THR A 58 -18.11 -24.70 -1.16
C THR A 58 -18.80 -24.28 -2.44
N SER A 59 -18.53 -23.06 -2.83
CA SER A 59 -19.01 -22.51 -4.08
C SER A 59 -17.83 -21.77 -4.64
N TYR A 60 -17.45 -22.13 -5.86
CA TYR A 60 -16.23 -21.60 -6.45
C TYR A 60 -16.58 -20.75 -7.65
N ASN A 61 -15.82 -19.69 -7.80
CA ASN A 61 -15.67 -19.08 -9.10
C ASN A 61 -15.04 -20.12 -10.01
N GLN A 62 -15.71 -20.42 -11.11
CA GLN A 62 -15.27 -21.46 -12.02
C GLN A 62 -13.83 -21.26 -12.42
N LYS A 63 -13.41 -20.00 -12.53
CA LYS A 63 -12.05 -19.64 -12.90
C LYS A 63 -11.04 -20.20 -11.92
N PHE A 64 -11.45 -20.44 -10.67
CA PHE A 64 -10.53 -20.94 -9.66
C PHE A 64 -10.76 -22.38 -9.30
N LYS A 65 -11.71 -23.05 -9.95
CA LYS A 65 -11.93 -24.45 -9.63
C LYS A 65 -10.67 -25.25 -9.91
N GLY A 66 -10.36 -26.18 -9.01
CA GLY A 66 -9.09 -26.91 -9.12
C GLY A 66 -7.92 -26.12 -8.59
N LYS A 67 -7.83 -24.85 -9.00
CA LYS A 67 -6.79 -23.95 -8.55
C LYS A 67 -6.82 -23.74 -7.03
N ALA A 68 -8.01 -23.45 -6.52
CA ALA A 68 -8.22 -23.08 -5.15
C ALA A 68 -9.10 -24.14 -4.52
N THR A 69 -8.74 -24.54 -3.32
CA THR A 69 -9.53 -25.47 -2.53
C THR A 69 -9.81 -24.80 -1.21
N LEU A 70 -11.07 -24.60 -0.91
CA LEU A 70 -11.48 -23.99 0.33
C LEU A 70 -11.82 -25.10 1.31
N THR A 71 -11.32 -24.96 2.53
CA THR A 71 -11.68 -25.83 3.61
C THR A 71 -11.91 -24.99 4.83
N VAL A 72 -12.48 -25.60 5.84
CA VAL A 72 -12.70 -24.94 7.10
C VAL A 72 -12.41 -25.94 8.21
N ASP A 73 -11.95 -25.41 9.33
CA ASP A 73 -11.83 -26.19 10.56
C ASP A 73 -12.74 -25.47 11.54
N LYS A 74 -13.97 -25.98 11.68
CA LYS A 74 -14.94 -25.39 12.60
C LYS A 74 -14.37 -25.26 14.00
N SER A 75 -13.71 -26.30 14.49
CA SER A 75 -13.26 -26.30 15.86
C SER A 75 -12.28 -25.17 16.13
N SER A 76 -11.47 -24.80 15.15
CA SER A 76 -10.52 -23.72 15.32
C SER A 76 -10.99 -22.45 14.64
N THR A 77 -12.25 -22.40 14.21
CA THR A 77 -12.85 -21.28 13.48
C THR A 77 -11.86 -20.69 12.50
N THR A 78 -11.26 -21.57 11.73
CA THR A 78 -10.28 -21.17 10.75
C THR A 78 -10.72 -21.66 9.38
N ALA A 79 -10.63 -20.79 8.42
CA ALA A 79 -10.89 -21.09 7.04
C ALA A 79 -9.55 -21.17 6.33
N TYR A 80 -9.47 -22.05 5.35
CA TYR A 80 -8.23 -22.22 4.61
C TYR A 80 -8.53 -22.14 3.15
N MET A 81 -7.55 -21.63 2.43
CA MET A 81 -7.56 -21.71 0.99
C MET A 81 -6.24 -22.28 0.56
N GLU A 82 -6.31 -23.38 -0.16
CA GLU A 82 -5.13 -23.97 -0.75
C GLU A 82 -5.12 -23.56 -2.20
N LEU A 83 -4.01 -22.98 -2.63
CA LEU A 83 -3.79 -22.62 -4.02
C LEU A 83 -2.71 -23.52 -4.57
N ARG A 84 -2.97 -24.16 -5.69
CA ARG A 84 -2.06 -25.15 -6.21
C ARG A 84 -1.56 -24.71 -7.58
N SER A 85 -0.59 -25.47 -8.07
CA SER A 85 -0.01 -25.27 -9.39
C SER A 85 0.42 -23.81 -9.56
N LEU A 86 1.15 -23.32 -8.58
CA LEU A 86 1.35 -21.87 -8.52
C LEU A 86 2.31 -21.36 -9.58
N THR A 87 1.96 -20.21 -10.11
CA THR A 87 2.84 -19.46 -10.99
C THR A 87 2.81 -18.02 -10.51
N SER A 88 3.66 -17.22 -11.13
CA SER A 88 3.67 -15.81 -10.79
C SER A 88 2.33 -15.15 -11.06
N GLU A 89 1.47 -15.74 -11.90
CA GLU A 89 0.14 -15.18 -12.08
C GLU A 89 -0.69 -15.28 -10.82
N ASP A 90 -0.27 -16.09 -9.87
CA ASP A 90 -0.97 -16.21 -8.61
C ASP A 90 -0.43 -15.27 -7.57
N SER A 91 0.69 -14.62 -7.85
CA SER A 91 1.22 -13.64 -6.93
C SER A 91 0.20 -12.53 -6.80
N ALA A 92 -0.22 -12.28 -5.57
CA ALA A 92 -1.36 -11.42 -5.33
C ALA A 92 -1.52 -11.34 -3.83
N VAL A 93 -2.39 -10.47 -3.43
CA VAL A 93 -2.90 -10.47 -2.06
C VAL A 93 -4.19 -11.25 -2.08
N TYR A 94 -4.34 -12.14 -1.11
CA TYR A 94 -5.53 -12.93 -0.95
C TYR A 94 -6.17 -12.56 0.36
N TYR A 95 -7.44 -12.26 0.30
CA TYR A 95 -8.21 -11.89 1.47
C TYR A 95 -9.19 -12.99 1.77
N CYS A 96 -9.39 -13.26 3.03
CA CYS A 96 -10.61 -13.92 3.44
C CYS A 96 -11.56 -12.81 3.87
N THR A 97 -12.84 -13.07 3.67
CA THR A 97 -13.80 -12.08 4.07
C THR A 97 -15.11 -12.80 4.32
N ARG A 98 -15.77 -12.34 5.36
CA ARG A 98 -16.97 -12.95 5.84
C ARG A 98 -18.17 -12.41 5.10
N SER A 99 -19.17 -13.27 4.92
CA SER A 99 -20.42 -12.80 4.36
C SER A 99 -21.53 -13.49 5.16
N PRO A 100 -22.55 -12.74 5.56
CA PRO A 100 -23.72 -13.39 6.16
C PRO A 100 -24.49 -14.19 5.12
N VAL A 101 -25.39 -15.03 5.63
CA VAL A 101 -26.40 -15.59 4.75
C VAL A 101 -27.18 -14.46 4.11
N ARG A 102 -27.47 -13.44 4.91
CA ARG A 102 -28.28 -12.31 4.51
C ARG A 102 -27.97 -11.21 5.53
N PRO A 103 -27.86 -9.94 5.10
CA PRO A 103 -27.86 -9.47 3.71
C PRO A 103 -26.60 -9.92 3.04
N TYR A 104 -26.41 -9.41 1.84
CA TYR A 104 -25.44 -9.94 0.89
C TYR A 104 -24.27 -8.96 0.78
N TYR A 105 -23.14 -9.32 1.37
CA TYR A 105 -21.98 -8.43 1.34
C TYR A 105 -20.83 -9.10 2.07
N PHE A 106 -19.68 -8.45 1.97
CA PHE A 106 -18.46 -8.89 2.60
C PHE A 106 -18.14 -7.90 3.69
N ASP A 107 -18.54 -8.20 4.92
CA ASP A 107 -18.48 -7.11 5.88
C ASP A 107 -17.16 -7.06 6.63
N TYR A 108 -16.59 -8.19 6.98
CA TYR A 108 -15.30 -8.21 7.64
C TYR A 108 -14.31 -8.94 6.76
N TRP A 109 -13.12 -8.39 6.73
CA TRP A 109 -12.07 -8.82 5.85
C TRP A 109 -10.83 -9.12 6.68
N GLY A 110 -10.12 -10.15 6.29
CA GLY A 110 -8.79 -10.33 6.81
C GLY A 110 -7.88 -9.22 6.33
N GLN A 111 -6.68 -9.21 6.89
CA GLN A 111 -5.72 -8.19 6.54
C GLN A 111 -5.05 -8.48 5.23
N GLY A 112 -5.37 -9.61 4.64
CA GLY A 112 -4.76 -10.06 3.43
C GLY A 112 -3.51 -10.85 3.69
N THR A 113 -3.22 -11.75 2.76
CA THR A 113 -2.00 -12.54 2.74
C THR A 113 -1.35 -12.31 1.40
N THR A 114 -0.12 -11.81 1.42
CA THR A 114 0.62 -11.60 0.20
C THR A 114 1.28 -12.91 -0.21
N LEU A 115 0.98 -13.35 -1.40
CA LEU A 115 1.60 -14.53 -1.97
C LEU A 115 2.54 -14.07 -3.06
N THR A 116 3.79 -14.48 -2.95
CA THR A 116 4.76 -14.26 -4.01
C THR A 116 5.15 -15.63 -4.51
N VAL A 117 4.94 -15.86 -5.79
CA VAL A 117 5.35 -17.10 -6.43
C VAL A 117 6.59 -16.78 -7.23
N SER A 118 7.69 -17.34 -6.79
CA SER A 118 8.98 -17.01 -7.34
C SER A 118 9.97 -18.07 -6.93
N SER A 119 10.93 -18.31 -7.81
CA SER A 119 12.07 -19.16 -7.49
C SER A 119 13.14 -18.40 -6.75
N ALA A 120 12.97 -17.10 -6.58
CA ALA A 120 14.03 -16.28 -6.02
C ALA A 120 14.17 -16.58 -4.54
N LYS A 121 15.36 -16.35 -4.04
CA LYS A 121 15.65 -16.63 -2.64
C LYS A 121 15.21 -15.45 -1.80
N THR A 122 14.87 -15.73 -0.54
CA THR A 122 14.66 -14.69 0.43
C THR A 122 15.97 -13.93 0.66
N THR A 123 15.89 -12.62 0.60
CA THR A 123 17.05 -11.77 0.78
C THR A 123 16.62 -10.74 1.80
N PRO A 124 17.22 -10.72 2.99
CA PRO A 124 16.86 -9.68 3.95
C PRO A 124 17.33 -8.32 3.48
N PRO A 125 16.68 -7.25 3.91
CA PRO A 125 17.11 -5.92 3.52
C PRO A 125 18.35 -5.49 4.27
N SER A 126 19.14 -4.68 3.58
CA SER A 126 20.13 -3.84 4.22
C SER A 126 19.41 -2.57 4.64
N VAL A 127 19.52 -2.21 5.91
CA VAL A 127 18.80 -1.07 6.44
C VAL A 127 19.80 0.00 6.79
N TYR A 128 19.66 1.15 6.17
CA TYR A 128 20.58 2.23 6.37
C TYR A 128 19.84 3.45 6.90
N PRO A 129 20.36 4.09 7.94
CA PRO A 129 19.73 5.30 8.44
C PRO A 129 20.01 6.47 7.52
N LEU A 130 19.02 7.32 7.40
CA LEU A 130 19.12 8.54 6.64
C LEU A 130 19.02 9.66 7.65
N ALA A 131 20.17 10.19 8.04
CA ALA A 131 20.22 11.32 8.94
C ALA A 131 20.88 12.50 8.22
N PRO A 132 20.46 13.73 8.53
CA PRO A 132 21.04 14.89 7.85
C PRO A 132 22.56 14.91 7.94
N GLY A 133 23.20 15.30 6.85
CA GLY A 133 24.61 15.58 6.89
C GLY A 133 24.92 16.71 7.86
N CYS A 134 26.16 16.71 8.36
CA CYS A 134 26.58 17.72 9.33
C CYS A 134 26.34 19.14 8.84
N GLY A 135 26.32 19.33 7.52
CA GLY A 135 26.16 20.66 6.96
C GLY A 135 24.74 21.18 6.93
N ASP A 136 23.75 20.33 7.19
CA ASP A 136 22.36 20.74 7.08
C ASP A 136 22.01 21.81 8.12
N THR A 137 21.07 22.67 7.74
CA THR A 137 20.53 23.70 8.62
C THR A 137 19.33 23.15 9.37
N THR A 138 19.26 23.39 10.67
CA THR A 138 18.14 22.91 11.46
C THR A 138 16.96 23.87 11.29
N GLY A 139 15.83 23.34 10.79
CA GLY A 139 14.58 24.06 10.76
C GLY A 139 13.67 23.61 11.90
N SER A 140 12.41 24.05 11.81
CA SER A 140 11.45 23.69 12.86
C SER A 140 11.28 22.18 12.95
N SER A 141 11.30 21.48 11.83
CA SER A 141 11.19 20.04 11.84
C SER A 141 12.38 19.43 11.12
N VAL A 142 12.62 18.16 11.38
CA VAL A 142 13.71 17.44 10.75
C VAL A 142 13.14 16.16 10.14
N THR A 143 13.62 15.85 8.96
CA THR A 143 13.20 14.66 8.28
C THR A 143 14.32 13.65 8.38
N LEU A 144 13.99 12.50 8.90
CA LEU A 144 14.90 11.38 9.04
C LEU A 144 14.32 10.27 8.19
N GLY A 145 15.14 9.27 7.94
CA GLY A 145 14.63 8.22 7.08
C GLY A 145 15.40 6.96 7.32
N CYS A 146 14.87 5.89 6.77
CA CYS A 146 15.60 4.65 6.73
C CYS A 146 15.47 4.14 5.32
N LEU A 147 16.61 3.77 4.76
CA LEU A 147 16.69 3.19 3.44
C LEU A 147 16.68 1.69 3.64
N VAL A 148 15.78 1.01 2.96
CA VAL A 148 15.61 -0.42 3.13
C VAL A 148 15.90 -1.05 1.78
N LYS A 149 17.08 -1.64 1.64
CA LYS A 149 17.64 -1.86 0.32
C LYS A 149 17.86 -3.33 0.07
N GLY A 150 17.43 -3.78 -1.09
CA GLY A 150 17.87 -5.05 -1.60
C GLY A 150 17.26 -6.22 -0.88
N TYR A 151 15.94 -6.26 -0.79
CA TYR A 151 15.29 -7.36 -0.12
C TYR A 151 14.30 -8.04 -1.06
N PHE A 152 13.98 -9.25 -0.66
CA PHE A 152 13.02 -10.02 -1.38
C PHE A 152 12.54 -11.12 -0.47
N PRO A 153 11.24 -11.44 -0.51
CA PRO A 153 10.15 -10.83 -1.24
C PRO A 153 9.73 -9.52 -0.60
N GLU A 154 8.64 -8.98 -1.11
CA GLU A 154 8.35 -7.57 -0.96
C GLU A 154 7.90 -7.18 0.43
N SER A 155 7.31 -8.07 1.20
CA SER A 155 6.71 -7.60 2.44
C SER A 155 7.76 -7.02 3.38
N VAL A 156 7.63 -5.76 3.74
CA VAL A 156 8.53 -5.15 4.72
C VAL A 156 7.71 -4.14 5.48
N THR A 157 8.04 -3.96 6.76
CA THR A 157 7.33 -2.98 7.56
C THR A 157 8.36 -2.16 8.30
N VAL A 158 8.24 -0.85 8.17
CA VAL A 158 9.10 0.09 8.87
C VAL A 158 8.23 0.72 9.94
N THR A 159 8.68 0.64 11.18
CA THR A 159 7.98 1.29 12.27
C THR A 159 8.95 2.25 12.92
N TRP A 160 8.50 3.47 13.12
CA TRP A 160 9.29 4.49 13.78
C TRP A 160 8.85 4.58 15.23
N ASN A 161 9.82 4.44 16.15
CA ASN A 161 9.56 4.50 17.58
C ASN A 161 8.34 3.67 17.99
N SER A 162 8.33 2.41 17.55
CA SER A 162 7.27 1.48 17.92
C SER A 162 5.89 2.04 17.57
N GLY A 163 5.81 2.73 16.43
CA GLY A 163 4.56 3.27 15.95
C GLY A 163 4.14 4.59 16.57
N SER A 164 4.88 5.09 17.58
CA SER A 164 4.54 6.36 18.19
C SER A 164 4.66 7.52 17.21
N LEU A 165 5.55 7.42 16.24
CA LEU A 165 5.52 8.28 15.06
C LEU A 165 4.96 7.45 13.92
N SER A 166 3.73 7.76 13.51
CA SER A 166 3.20 7.31 12.24
C SER A 166 2.49 8.43 11.48
N SER A 167 2.01 9.46 12.16
CA SER A 167 1.38 10.58 11.50
C SER A 167 2.36 11.36 10.65
N SER A 168 3.66 11.30 10.98
CA SER A 168 4.69 12.07 10.30
C SER A 168 5.52 11.22 9.35
N VAL A 169 5.04 10.06 9.01
CA VAL A 169 5.81 9.08 8.27
C VAL A 169 5.39 9.08 6.81
N HIS A 170 6.38 8.92 5.93
CA HIS A 170 6.10 8.59 4.55
C HIS A 170 6.75 7.27 4.25
N THR A 171 5.98 6.38 3.67
CA THR A 171 6.47 5.10 3.25
C THR A 171 6.54 5.12 1.74
N PHE A 172 7.71 5.01 1.22
CA PHE A 172 7.85 5.13 -0.22
C PHE A 172 7.73 3.77 -0.83
N PRO A 173 6.85 3.60 -1.82
CA PRO A 173 6.63 2.26 -2.35
C PRO A 173 7.93 1.66 -2.81
N ALA A 174 8.06 0.35 -2.61
CA ALA A 174 9.25 -0.33 -3.01
C ALA A 174 9.37 -0.34 -4.52
N LEU A 175 10.60 -0.26 -4.98
CA LEU A 175 10.90 -0.44 -6.39
C LEU A 175 11.71 -1.70 -6.52
N LEU A 176 11.39 -2.46 -7.57
CA LEU A 176 12.08 -3.70 -7.87
C LEU A 176 13.21 -3.36 -8.82
N GLN A 177 14.44 -3.71 -8.44
CA GLN A 177 15.60 -3.50 -9.29
C GLN A 177 16.51 -4.71 -9.16
N SER A 178 16.79 -5.35 -10.29
CA SER A 178 17.66 -6.52 -10.30
C SER A 178 17.15 -7.57 -9.33
N GLY A 179 15.85 -7.81 -9.40
CA GLY A 179 15.24 -8.84 -8.60
C GLY A 179 15.10 -8.52 -7.12
N LEU A 180 15.52 -7.35 -6.69
CA LEU A 180 15.44 -7.00 -5.28
C LEU A 180 14.67 -5.71 -5.13
N TYR A 181 13.98 -5.63 -3.99
CA TYR A 181 13.19 -4.46 -3.71
C TYR A 181 14.03 -3.49 -2.92
N THR A 182 13.74 -2.22 -3.10
CA THR A 182 14.27 -1.18 -2.25
C THR A 182 13.13 -0.22 -1.93
N MET A 183 13.05 0.17 -0.68
CA MET A 183 12.07 1.16 -0.30
C MET A 183 12.75 2.06 0.69
N SER A 184 12.09 3.14 1.01
CA SER A 184 12.58 3.98 2.07
C SER A 184 11.37 4.49 2.81
N SER A 185 11.65 4.98 4.00
CA SER A 185 10.63 5.52 4.86
C SER A 185 11.22 6.78 5.44
N SER A 186 10.43 7.84 5.49
CA SER A 186 10.85 9.06 6.15
C SER A 186 9.95 9.34 7.32
N VAL A 187 10.49 10.05 8.28
CA VAL A 187 9.72 10.52 9.41
C VAL A 187 10.14 11.95 9.58
N THR A 188 9.18 12.81 9.89
CA THR A 188 9.46 14.21 10.13
C THR A 188 9.00 14.51 11.54
N VAL A 189 9.94 14.96 12.36
CA VAL A 189 9.64 15.28 13.76
C VAL A 189 10.09 16.71 14.01
N PRO A 190 9.57 17.35 15.03
CA PRO A 190 10.08 18.67 15.40
C PRO A 190 11.56 18.58 15.70
N SER A 191 12.31 19.59 15.27
CA SER A 191 13.74 19.56 15.57
C SER A 191 13.99 19.64 17.06
N SER A 192 13.03 20.16 17.82
CA SER A 192 13.15 20.17 19.26
C SER A 192 13.06 18.78 19.86
N THR A 193 12.67 17.76 19.10
CA THR A 193 12.57 16.41 19.64
C THR A 193 13.62 15.46 19.10
N TRP A 194 14.45 15.90 18.16
CA TRP A 194 15.54 15.06 17.67
C TRP A 194 16.70 15.96 17.31
N PRO A 195 17.94 15.58 17.72
CA PRO A 195 18.32 14.29 18.32
C PRO A 195 18.17 14.22 19.84
N SER A 196 17.58 15.24 20.45
CA SER A 196 17.42 15.23 21.89
C SER A 196 16.72 13.97 22.36
N GLN A 197 15.79 13.45 21.57
CA GLN A 197 15.12 12.20 21.88
C GLN A 197 15.42 11.21 20.77
N THR A 198 15.44 9.94 21.15
CA THR A 198 15.80 8.90 20.21
C THR A 198 14.70 8.74 19.17
N VAL A 199 15.12 8.64 17.91
CA VAL A 199 14.23 8.24 16.83
C VAL A 199 14.85 6.99 16.23
N THR A 200 14.04 5.95 16.13
CA THR A 200 14.51 4.65 15.70
C THR A 200 13.55 4.16 14.63
N CYS A 201 14.10 3.71 13.52
CA CYS A 201 13.31 2.95 12.57
C CYS A 201 13.58 1.48 12.83
N SER A 202 12.51 0.70 12.82
CA SER A 202 12.58 -0.74 13.00
C SER A 202 12.03 -1.33 11.73
N VAL A 203 12.85 -2.12 11.03
CA VAL A 203 12.51 -2.63 9.72
C VAL A 203 12.36 -4.12 9.86
N ALA A 204 11.14 -4.58 9.65
CA ALA A 204 10.78 -5.99 9.76
C ALA A 204 10.61 -6.54 8.35
N HIS A 205 11.29 -7.64 8.08
CA HIS A 205 11.15 -8.34 6.80
C HIS A 205 10.67 -9.74 7.14
N PRO A 206 9.36 -9.99 7.10
CA PRO A 206 8.85 -11.24 7.65
C PRO A 206 9.39 -12.44 6.96
N ALA A 207 9.69 -12.36 5.66
CA ALA A 207 10.13 -13.55 4.96
C ALA A 207 11.44 -14.08 5.53
N SER A 208 12.35 -13.18 5.89
CA SER A 208 13.63 -13.54 6.48
C SER A 208 13.60 -13.45 7.99
N SER A 209 12.43 -13.17 8.58
CA SER A 209 12.30 -13.01 10.02
C SER A 209 13.34 -12.03 10.58
N THR A 210 13.79 -11.08 9.74
CA THR A 210 14.76 -10.10 10.20
C THR A 210 14.07 -8.83 10.66
N THR A 211 14.61 -8.29 11.74
CA THR A 211 14.28 -6.95 12.22
C THR A 211 15.59 -6.22 12.37
N VAL A 212 15.73 -5.08 11.71
CA VAL A 212 16.89 -4.22 11.88
C VAL A 212 16.36 -2.91 12.41
N ASP A 213 16.91 -2.48 13.55
CA ASP A 213 16.59 -1.19 14.14
C ASP A 213 17.77 -0.27 13.89
N LYS A 214 17.49 0.92 13.40
CA LYS A 214 18.52 1.94 13.29
C LYS A 214 18.09 3.11 14.16
N LYS A 215 18.91 3.43 15.14
CA LYS A 215 18.74 4.68 15.88
C LYS A 215 19.37 5.79 15.04
N LEU A 216 18.55 6.74 14.62
CA LEU A 216 19.02 7.85 13.81
C LEU A 216 19.94 8.72 14.67
N GLU A 217 21.17 8.94 14.19
CA GLU A 217 22.20 9.69 14.88
C GLU A 217 22.64 10.89 14.04
N PRO A 218 22.89 12.05 14.65
CA PRO A 218 23.47 13.10 13.82
C PRO A 218 24.93 12.81 13.47
N ASP B 1 -20.84 -14.75 -16.08
CA ASP B 1 -20.65 -13.90 -14.92
C ASP B 1 -21.27 -12.54 -15.12
N ILE B 2 -21.76 -11.96 -14.04
CA ILE B 2 -22.23 -10.60 -14.12
C ILE B 2 -21.03 -9.69 -14.08
N VAL B 3 -20.97 -8.79 -15.03
CA VAL B 3 -19.89 -7.82 -15.09
C VAL B 3 -20.38 -6.55 -14.43
N MET B 4 -19.54 -6.02 -13.56
CA MET B 4 -19.79 -4.77 -12.87
C MET B 4 -18.77 -3.80 -13.41
N THR B 5 -19.23 -2.80 -14.13
CA THR B 5 -18.32 -1.90 -14.83
C THR B 5 -18.29 -0.57 -14.12
N GLN B 6 -17.11 -0.19 -13.66
CA GLN B 6 -16.81 1.16 -13.21
C GLN B 6 -15.96 1.72 -14.34
N SER B 7 -16.61 2.47 -15.20
CA SER B 7 -15.92 2.91 -16.40
C SER B 7 -14.86 3.96 -16.12
N HIS B 8 -14.90 4.57 -14.93
CA HIS B 8 -13.91 5.58 -14.56
C HIS B 8 -12.98 4.95 -13.57
N LYS B 9 -11.73 4.77 -14.00
CA LYS B 9 -10.74 4.24 -13.08
C LYS B 9 -10.36 5.27 -12.07
N PHE B 10 -10.51 6.54 -12.42
CA PHE B 10 -10.12 7.62 -11.55
C PHE B 10 -11.24 8.64 -11.55
N MET B 11 -11.43 9.27 -10.42
CA MET B 11 -12.28 10.44 -10.33
C MET B 11 -11.62 11.46 -9.43
N SER B 12 -11.53 12.69 -9.92
CA SER B 12 -10.96 13.78 -9.16
C SER B 12 -12.06 14.52 -8.42
N THR B 13 -11.75 14.90 -7.20
CA THR B 13 -12.66 15.69 -6.43
C THR B 13 -11.82 16.59 -5.55
N SER B 14 -12.48 17.45 -4.80
CA SER B 14 -11.78 18.28 -3.83
C SER B 14 -12.44 18.04 -2.49
N VAL B 15 -11.67 18.24 -1.42
CA VAL B 15 -12.23 18.09 -0.08
C VAL B 15 -13.42 19.02 0.06
N GLY B 16 -14.52 18.48 0.59
CA GLY B 16 -15.73 19.23 0.77
C GLY B 16 -16.68 19.10 -0.41
N ASP B 17 -16.21 18.54 -1.50
CA ASP B 17 -17.04 18.39 -2.68
C ASP B 17 -17.81 17.07 -2.62
N ARG B 18 -18.83 16.99 -3.47
CA ARG B 18 -19.61 15.79 -3.62
C ARG B 18 -19.06 15.05 -4.81
N VAL B 19 -18.84 13.77 -4.65
CA VAL B 19 -18.35 12.97 -5.75
C VAL B 19 -19.22 11.75 -5.85
N SER B 20 -19.53 11.36 -7.07
CA SER B 20 -20.35 10.20 -7.33
C SER B 20 -19.59 9.28 -8.26
N ILE B 21 -19.52 8.03 -7.86
CA ILE B 21 -18.83 6.99 -8.60
C ILE B 21 -19.91 6.08 -9.14
N THR B 22 -19.80 5.75 -10.42
CA THR B 22 -20.84 4.99 -11.07
C THR B 22 -20.37 3.56 -11.31
N CYS B 23 -21.32 2.66 -11.32
CA CYS B 23 -21.11 1.24 -11.53
C CYS B 23 -22.27 0.74 -12.37
N LYS B 24 -21.99 -0.02 -13.41
CA LYS B 24 -23.05 -0.53 -14.27
C LYS B 24 -22.95 -2.05 -14.29
N ALA B 25 -24.04 -2.71 -13.93
CA ALA B 25 -24.09 -4.16 -13.98
C ALA B 25 -24.48 -4.62 -15.37
N SER B 26 -23.87 -5.71 -15.80
CA SER B 26 -24.15 -6.20 -17.14
C SER B 26 -25.51 -6.84 -17.25
N GLN B 27 -26.18 -7.06 -16.13
CA GLN B 27 -27.56 -7.48 -16.16
C GLN B 27 -28.22 -7.00 -14.88
N ASP B 28 -29.53 -7.13 -14.84
CA ASP B 28 -30.29 -6.73 -13.67
C ASP B 28 -29.79 -7.46 -12.43
N VAL B 29 -29.36 -6.70 -11.43
CA VAL B 29 -28.96 -7.25 -10.15
C VAL B 29 -29.80 -6.66 -9.03
N SER B 30 -30.98 -6.15 -9.39
CA SER B 30 -31.89 -5.58 -8.42
C SER B 30 -31.12 -4.57 -7.58
N THR B 31 -31.06 -4.78 -6.26
CA THR B 31 -30.26 -3.93 -5.39
C THR B 31 -29.16 -4.71 -4.71
N ALA B 32 -28.77 -5.86 -5.25
CA ALA B 32 -27.78 -6.71 -4.60
C ALA B 32 -26.38 -6.18 -4.94
N VAL B 33 -26.16 -4.92 -4.59
CA VAL B 33 -24.91 -4.23 -4.88
C VAL B 33 -24.33 -3.69 -3.59
N ALA B 34 -23.05 -3.93 -3.39
CA ALA B 34 -22.34 -3.35 -2.29
C ALA B 34 -21.20 -2.49 -2.81
N TRP B 35 -20.81 -1.54 -1.99
CA TRP B 35 -19.70 -0.67 -2.30
C TRP B 35 -18.66 -0.78 -1.21
N TYR B 36 -17.43 -0.89 -1.63
CA TYR B 36 -16.29 -1.05 -0.76
C TYR B 36 -15.33 0.07 -1.03
N GLN B 37 -14.65 0.46 0.01
CA GLN B 37 -13.58 1.43 0.00
C GLN B 37 -12.30 0.70 0.34
N GLN B 38 -11.29 0.86 -0.49
CA GLN B 38 -10.02 0.25 -0.18
C GLN B 38 -8.96 1.32 -0.19
N LYS B 39 -8.50 1.65 0.98
CA LYS B 39 -7.45 2.64 1.12
C LYS B 39 -6.12 1.98 0.85
N PRO B 40 -5.14 2.75 0.41
CA PRO B 40 -3.84 2.18 0.07
C PRO B 40 -3.30 1.30 1.18
N GLY B 41 -2.88 0.10 0.80
CA GLY B 41 -2.32 -0.87 1.72
C GLY B 41 -3.31 -1.51 2.66
N GLN B 42 -4.60 -1.25 2.50
CA GLN B 42 -5.59 -1.76 3.43
C GLN B 42 -6.49 -2.77 2.76
N SER B 43 -7.18 -3.51 3.60
CA SER B 43 -8.23 -4.36 3.13
C SER B 43 -9.45 -3.53 2.73
N PRO B 44 -10.27 -4.05 1.84
CA PRO B 44 -11.50 -3.34 1.51
C PRO B 44 -12.38 -3.20 2.72
N LYS B 45 -13.15 -2.13 2.71
CA LYS B 45 -14.05 -1.84 3.80
C LYS B 45 -15.43 -1.68 3.20
N LEU B 46 -16.38 -2.40 3.74
CA LEU B 46 -17.74 -2.31 3.24
C LEU B 46 -18.33 -0.99 3.67
N LEU B 47 -18.86 -0.24 2.72
CA LEU B 47 -19.56 0.99 3.07
C LEU B 47 -21.05 0.88 2.84
N ILE B 48 -21.46 0.42 1.67
CA ILE B 48 -22.86 0.44 1.26
C ILE B 48 -23.20 -0.98 0.87
N TYR B 49 -24.37 -1.43 1.24
CA TYR B 49 -24.86 -2.72 0.79
C TYR B 49 -26.31 -2.56 0.38
N SER B 50 -26.80 -3.54 -0.35
CA SER B 50 -28.16 -3.48 -0.89
C SER B 50 -28.40 -2.15 -1.58
N ALA B 51 -27.35 -1.68 -2.26
CA ALA B 51 -27.35 -0.52 -3.15
C ALA B 51 -27.37 0.82 -2.40
N SER B 52 -28.10 0.91 -1.29
CA SER B 52 -28.34 2.21 -0.70
C SER B 52 -28.22 2.23 0.80
N TYR B 53 -27.86 1.13 1.45
CA TYR B 53 -27.87 1.03 2.89
C TYR B 53 -26.45 1.16 3.40
N ARG B 54 -26.25 2.03 4.37
CA ARG B 54 -24.94 2.18 4.97
C ARG B 54 -24.70 1.04 5.93
N TYR B 55 -23.54 0.45 5.82
CA TYR B 55 -23.14 -0.53 6.80
C TYR B 55 -22.88 0.16 8.14
N THR B 56 -22.89 -0.65 9.19
CA THR B 56 -22.72 -0.14 10.54
C THR B 56 -21.49 0.73 10.64
N GLY B 57 -21.66 1.89 11.24
CA GLY B 57 -20.57 2.77 11.54
C GLY B 57 -20.14 3.61 10.37
N VAL B 58 -20.76 3.43 9.22
CA VAL B 58 -20.29 4.15 8.03
C VAL B 58 -20.83 5.58 8.09
N PRO B 59 -19.98 6.58 7.88
CA PRO B 59 -20.43 7.96 8.02
C PRO B 59 -21.55 8.30 7.06
N ASP B 60 -22.36 9.29 7.44
CA ASP B 60 -23.55 9.67 6.69
C ASP B 60 -23.22 10.24 5.33
N ARG B 61 -21.98 10.70 5.14
CA ARG B 61 -21.57 11.31 3.89
C ARG B 61 -21.49 10.29 2.77
N PHE B 62 -21.55 9.00 3.12
CA PHE B 62 -21.48 7.94 2.13
C PHE B 62 -22.89 7.45 1.83
N THR B 63 -23.27 7.48 0.57
CA THR B 63 -24.58 6.98 0.20
C THR B 63 -24.43 6.17 -1.06
N GLY B 64 -25.44 5.36 -1.32
CA GLY B 64 -25.50 4.64 -2.57
C GLY B 64 -26.91 4.71 -3.08
N SER B 65 -27.02 4.55 -4.38
CA SER B 65 -28.34 4.58 -4.97
C SER B 65 -28.31 3.71 -6.20
N GLY B 66 -29.51 3.39 -6.67
CA GLY B 66 -29.63 2.67 -7.91
C GLY B 66 -30.28 1.32 -7.71
N SER B 67 -30.81 0.80 -8.80
CA SER B 67 -31.50 -0.47 -8.80
C SER B 67 -31.45 -0.97 -10.23
N GLY B 68 -31.28 -2.27 -10.38
CA GLY B 68 -31.30 -2.86 -11.70
C GLY B 68 -29.89 -3.02 -12.21
N THR B 69 -29.41 -2.04 -12.97
CA THR B 69 -28.07 -2.11 -13.55
C THR B 69 -27.20 -0.89 -13.27
N ASP B 70 -27.76 0.25 -12.93
CA ASP B 70 -26.98 1.48 -12.80
C ASP B 70 -26.92 1.85 -11.33
N PHE B 71 -25.72 1.92 -10.79
CA PHE B 71 -25.55 2.15 -9.38
C PHE B 71 -24.59 3.29 -9.20
N THR B 72 -24.82 4.05 -8.15
CA THR B 72 -24.02 5.21 -7.86
C THR B 72 -23.66 5.20 -6.39
N PHE B 73 -22.40 5.44 -6.13
CA PHE B 73 -21.90 5.60 -4.79
C PHE B 73 -21.49 7.05 -4.68
N THR B 74 -21.95 7.71 -3.63
CA THR B 74 -21.73 9.13 -3.51
C THR B 74 -21.10 9.43 -2.15
N ILE B 75 -20.09 10.28 -2.19
CA ILE B 75 -19.53 10.88 -1.01
C ILE B 75 -20.00 12.32 -1.07
N SER B 76 -20.83 12.71 -0.12
CA SER B 76 -21.49 14.00 -0.23
C SER B 76 -20.55 15.15 0.07
N SER B 77 -19.53 14.91 0.90
CA SER B 77 -18.59 15.95 1.29
C SER B 77 -17.24 15.24 1.52
N VAL B 78 -16.42 15.24 0.50
CA VAL B 78 -15.23 14.42 0.49
C VAL B 78 -14.28 14.91 1.56
N GLN B 79 -13.63 13.95 2.21
CA GLN B 79 -12.55 14.23 3.14
C GLN B 79 -11.29 13.60 2.58
N ALA B 80 -10.15 14.18 2.96
CA ALA B 80 -8.87 13.69 2.47
C ALA B 80 -8.73 12.23 2.75
N GLU B 81 -9.27 11.79 3.90
CA GLU B 81 -9.15 10.39 4.28
C GLU B 81 -9.92 9.48 3.35
N ASP B 82 -10.78 10.02 2.49
CA ASP B 82 -11.53 9.19 1.58
C ASP B 82 -10.74 8.80 0.36
N LEU B 83 -9.49 9.23 0.27
CA LEU B 83 -8.62 8.76 -0.78
C LEU B 83 -8.57 7.24 -0.73
N ALA B 84 -9.05 6.61 -1.79
CA ALA B 84 -9.23 5.18 -1.77
C ALA B 84 -9.67 4.77 -3.16
N VAL B 85 -9.62 3.46 -3.39
CA VAL B 85 -10.31 2.87 -4.51
C VAL B 85 -11.64 2.38 -4.02
N TYR B 86 -12.68 2.70 -4.75
CA TYR B 86 -14.03 2.33 -4.43
C TYR B 86 -14.45 1.29 -5.43
N TYR B 87 -15.01 0.22 -4.93
CA TYR B 87 -15.41 -0.92 -5.73
C TYR B 87 -16.88 -1.16 -5.52
N CYS B 88 -17.60 -1.36 -6.60
CA CYS B 88 -18.92 -1.93 -6.50
C CYS B 88 -18.79 -3.43 -6.58
N GLN B 89 -19.81 -4.11 -6.09
CA GLN B 89 -19.80 -5.56 -6.09
C GLN B 89 -21.25 -6.01 -6.17
N GLN B 90 -21.53 -6.98 -7.01
CA GLN B 90 -22.86 -7.55 -7.02
C GLN B 90 -22.81 -8.84 -6.21
N HIS B 91 -23.85 -9.02 -5.40
CA HIS B 91 -24.03 -10.21 -4.59
C HIS B 91 -25.27 -10.94 -5.08
N TYR B 92 -25.61 -10.71 -6.34
CA TYR B 92 -26.85 -11.20 -6.91
C TYR B 92 -26.71 -12.63 -7.41
N SER B 93 -25.53 -12.98 -7.91
CA SER B 93 -25.34 -14.30 -8.44
C SER B 93 -23.90 -14.70 -8.17
N ILE B 94 -23.64 -15.97 -8.42
CA ILE B 94 -22.35 -16.58 -8.29
C ILE B 94 -21.79 -16.62 -9.68
N PRO B 95 -20.51 -16.25 -9.87
CA PRO B 95 -19.59 -15.76 -8.84
C PRO B 95 -19.93 -14.37 -8.48
N ARG B 96 -19.63 -14.01 -7.25
CA ARG B 96 -19.64 -12.62 -6.87
C ARG B 96 -18.62 -11.90 -7.71
N THR B 97 -18.97 -10.70 -8.13
CA THR B 97 -18.05 -9.97 -8.97
C THR B 97 -18.00 -8.53 -8.51
N PHE B 98 -16.86 -7.95 -8.79
CA PHE B 98 -16.51 -6.62 -8.38
C PHE B 98 -16.34 -5.75 -9.61
N GLY B 99 -16.66 -4.47 -9.46
CA GLY B 99 -16.20 -3.50 -10.42
C GLY B 99 -14.69 -3.41 -10.42
N GLY B 100 -14.18 -2.75 -11.46
CA GLY B 100 -12.72 -2.60 -11.60
C GLY B 100 -12.14 -1.61 -10.63
N GLY B 101 -12.97 -0.84 -9.97
CA GLY B 101 -12.50 0.11 -9.00
C GLY B 101 -12.40 1.49 -9.58
N THR B 102 -12.68 2.47 -8.75
CA THR B 102 -12.51 3.86 -9.09
C THR B 102 -11.70 4.47 -7.99
N LYS B 103 -10.55 5.04 -8.37
CA LYS B 103 -9.65 5.66 -7.43
C LYS B 103 -10.03 7.12 -7.33
N LEU B 104 -10.28 7.56 -6.11
CA LEU B 104 -10.54 8.94 -5.84
C LEU B 104 -9.23 9.68 -5.73
N GLU B 105 -9.10 10.71 -6.53
CA GLU B 105 -7.95 11.58 -6.49
C GLU B 105 -8.46 12.91 -5.98
N ILE B 106 -7.69 13.51 -5.10
CA ILE B 106 -8.13 14.72 -4.46
C ILE B 106 -7.30 15.85 -4.99
N LYS B 107 -7.97 16.81 -5.56
CA LYS B 107 -7.35 18.02 -6.06
C LYS B 107 -7.33 19.01 -4.92
N ARG B 108 -6.15 19.37 -4.49
CA ARG B 108 -5.92 20.39 -3.50
C ARG B 108 -5.09 21.47 -4.15
N ALA B 109 -4.71 22.45 -3.35
CA ALA B 109 -3.89 23.52 -3.88
C ALA B 109 -2.45 23.06 -3.98
N ASP B 110 -1.71 23.72 -4.87
CA ASP B 110 -0.33 23.35 -5.06
C ASP B 110 0.44 23.54 -3.76
N ALA B 111 1.44 22.68 -3.58
CA ALA B 111 2.27 22.76 -2.39
C ALA B 111 3.68 22.42 -2.81
N ALA B 112 4.60 23.24 -2.39
CA ALA B 112 5.98 22.99 -2.74
C ALA B 112 6.53 21.85 -1.89
N PRO B 113 7.46 21.09 -2.43
CA PRO B 113 8.04 19.99 -1.66
C PRO B 113 9.01 20.53 -0.62
N THR B 114 9.04 19.84 0.51
CA THR B 114 10.11 19.97 1.47
C THR B 114 11.18 18.97 1.07
N VAL B 115 12.36 19.46 0.75
CA VAL B 115 13.38 18.62 0.17
C VAL B 115 14.43 18.38 1.23
N SER B 116 14.84 17.13 1.36
CA SER B 116 15.83 16.70 2.31
C SER B 116 16.78 15.79 1.56
N ILE B 117 18.07 16.01 1.72
CA ILE B 117 19.07 15.18 1.08
C ILE B 117 19.87 14.50 2.16
N PHE B 118 20.26 13.27 1.88
CA PHE B 118 20.92 12.45 2.87
C PHE B 118 22.13 11.81 2.22
N PRO B 119 23.30 11.98 2.80
CA PRO B 119 24.45 11.29 2.28
C PRO B 119 24.34 9.81 2.60
N PRO B 120 25.15 8.97 1.97
CA PRO B 120 25.16 7.56 2.35
C PRO B 120 25.58 7.41 3.80
N SER B 121 24.96 6.47 4.47
CA SER B 121 25.31 6.11 5.83
C SER B 121 26.67 5.45 5.87
N SER B 122 27.32 5.55 7.03
CA SER B 122 28.60 4.88 7.20
C SER B 122 28.45 3.38 7.01
N GLU B 123 27.30 2.83 7.41
CA GLU B 123 27.06 1.41 7.25
C GLU B 123 27.09 1.02 5.78
N GLN B 124 26.37 1.76 4.95
CA GLN B 124 26.32 1.40 3.54
C GLN B 124 27.70 1.53 2.92
N LEU B 125 28.40 2.61 3.24
CA LEU B 125 29.74 2.81 2.68
C LEU B 125 30.65 1.66 3.06
N THR B 126 30.52 1.14 4.29
CA THR B 126 31.26 -0.05 4.67
C THR B 126 30.98 -1.21 3.73
N SER B 127 29.75 -1.31 3.22
CA SER B 127 29.40 -2.36 2.27
C SER B 127 29.89 -2.04 0.86
N GLY B 128 30.55 -0.92 0.65
CA GLY B 128 30.97 -0.55 -0.68
C GLY B 128 29.84 -0.02 -1.55
N GLY B 129 28.73 0.33 -0.94
CA GLY B 129 27.64 0.98 -1.64
C GLY B 129 27.51 2.41 -1.19
N ALA B 130 26.87 3.24 -2.02
CA ALA B 130 26.63 4.63 -1.65
C ALA B 130 25.29 5.03 -2.27
N SER B 131 24.26 5.09 -1.45
CA SER B 131 22.98 5.61 -1.88
C SER B 131 22.84 7.00 -1.31
N VAL B 132 22.61 7.97 -2.17
CA VAL B 132 22.29 9.33 -1.77
C VAL B 132 20.80 9.49 -1.96
N VAL B 133 20.10 9.89 -0.91
CA VAL B 133 18.66 9.95 -1.11
C VAL B 133 18.17 11.35 -0.83
N CYS B 134 17.16 11.68 -1.60
CA CYS B 134 16.51 12.97 -1.53
C CYS B 134 15.05 12.66 -1.29
N PHE B 135 14.48 13.20 -0.22
CA PHE B 135 13.05 13.13 0.03
C PHE B 135 12.44 14.43 -0.45
N LEU B 136 11.38 14.32 -1.23
CA LEU B 136 10.64 15.50 -1.68
C LEU B 136 9.26 15.27 -1.11
N ASN B 137 8.99 15.94 -0.02
CA ASN B 137 7.85 15.57 0.81
C ASN B 137 6.76 16.61 0.73
N ASN B 138 5.53 16.11 0.65
CA ASN B 138 4.30 16.88 0.86
C ASN B 138 4.17 17.97 -0.19
N PHE B 139 4.18 17.55 -1.44
CA PHE B 139 3.97 18.45 -2.54
C PHE B 139 2.73 18.07 -3.34
N TYR B 140 2.26 19.02 -4.12
CA TYR B 140 1.12 18.83 -4.94
C TYR B 140 1.24 19.85 -6.04
N PRO B 141 1.00 19.45 -7.30
CA PRO B 141 0.58 18.14 -7.78
C PRO B 141 1.75 17.14 -7.86
N LYS B 142 1.42 15.94 -8.33
CA LYS B 142 2.35 14.81 -8.29
C LYS B 142 3.54 15.04 -9.20
N ASP B 143 3.33 15.74 -10.30
CA ASP B 143 4.38 15.96 -11.28
C ASP B 143 5.52 16.73 -10.64
N ILE B 144 6.71 16.17 -10.75
CA ILE B 144 7.87 16.80 -10.17
C ILE B 144 9.08 16.25 -10.89
N ASN B 145 10.10 17.07 -10.99
CA ASN B 145 11.34 16.66 -11.63
C ASN B 145 12.42 16.72 -10.59
N VAL B 146 13.19 15.64 -10.48
CA VAL B 146 14.35 15.62 -9.62
C VAL B 146 15.56 15.47 -10.52
N LYS B 147 16.53 16.34 -10.32
CA LYS B 147 17.78 16.30 -11.03
C LYS B 147 18.89 16.12 -10.01
N TRP B 148 19.72 15.11 -10.21
CA TRP B 148 20.88 14.91 -9.39
C TRP B 148 22.09 15.52 -10.07
N LYS B 149 22.89 16.25 -9.30
CA LYS B 149 24.14 16.78 -9.79
C LYS B 149 25.25 16.30 -8.86
N ILE B 150 26.33 15.83 -9.47
CA ILE B 150 27.51 15.39 -8.75
C ILE B 150 28.63 16.32 -9.19
N ASP B 151 29.19 17.07 -8.25
CA ASP B 151 30.16 18.10 -8.58
C ASP B 151 29.66 18.95 -9.75
N GLY B 152 28.43 19.44 -9.61
CA GLY B 152 27.84 20.31 -10.60
C GLY B 152 27.39 19.64 -11.88
N SER B 153 27.68 18.37 -12.08
CA SER B 153 27.35 17.67 -13.32
C SER B 153 26.10 16.82 -13.11
N GLU B 154 25.13 16.96 -14.01
CA GLU B 154 23.90 16.19 -13.90
C GLU B 154 24.24 14.70 -13.94
N ARG B 155 23.61 13.95 -13.04
CA ARG B 155 23.81 12.52 -12.93
C ARG B 155 22.46 11.86 -13.13
N GLN B 156 22.31 11.10 -14.21
CA GLN B 156 21.03 10.47 -14.50
C GLN B 156 20.99 8.98 -14.21
N ASN B 157 22.12 8.30 -14.27
CA ASN B 157 22.14 6.86 -14.06
C ASN B 157 22.15 6.51 -12.58
N GLY B 158 21.47 5.42 -12.25
CA GLY B 158 21.41 4.96 -10.88
C GLY B 158 20.39 5.67 -10.02
N VAL B 159 19.53 6.50 -10.63
CA VAL B 159 18.52 7.25 -9.87
C VAL B 159 17.22 6.49 -9.96
N LEU B 160 16.62 6.23 -8.80
CA LEU B 160 15.32 5.61 -8.73
C LEU B 160 14.41 6.52 -7.91
N ASN B 161 13.22 6.74 -8.44
CA ASN B 161 12.25 7.64 -7.86
C ASN B 161 11.03 6.86 -7.48
N SER B 162 10.53 7.11 -6.28
CA SER B 162 9.34 6.44 -5.81
C SER B 162 8.40 7.46 -5.22
N TRP B 163 7.19 7.52 -5.78
CA TRP B 163 6.15 8.40 -5.27
C TRP B 163 5.25 7.65 -4.30
N THR B 164 4.87 8.31 -3.21
CA THR B 164 3.77 7.83 -2.40
C THR B 164 2.45 8.01 -3.15
N ASP B 165 1.41 7.37 -2.61
CA ASP B 165 0.05 7.74 -2.94
C ASP B 165 -0.23 9.09 -2.33
N GLN B 166 -1.37 9.67 -2.67
CA GLN B 166 -1.74 10.90 -2.01
C GLN B 166 -1.92 10.68 -0.53
N ASP B 167 -1.48 11.65 0.24
CA ASP B 167 -1.58 11.55 1.68
C ASP B 167 -3.02 11.60 2.09
N SER B 168 -3.41 10.68 2.96
CA SER B 168 -4.77 10.64 3.45
C SER B 168 -5.11 11.84 4.34
N LYS B 169 -4.12 12.58 4.81
CA LYS B 169 -4.41 13.73 5.66
C LYS B 169 -4.44 15.03 4.86
N ASP B 170 -3.45 15.24 4.01
CA ASP B 170 -3.33 16.52 3.33
C ASP B 170 -3.32 16.39 1.82
N SER B 171 -3.46 15.18 1.30
CA SER B 171 -3.63 14.96 -0.12
C SER B 171 -2.39 15.31 -0.90
N THR B 172 -1.26 15.46 -0.24
CA THR B 172 -0.05 15.73 -0.97
C THR B 172 0.59 14.43 -1.38
N TYR B 173 1.60 14.58 -2.18
CA TYR B 173 2.46 13.50 -2.55
C TYR B 173 3.82 13.71 -1.91
N SER B 174 4.53 12.60 -1.78
CA SER B 174 5.92 12.68 -1.43
C SER B 174 6.63 11.74 -2.36
N MET B 175 7.92 12.00 -2.56
CA MET B 175 8.65 11.08 -3.39
C MET B 175 10.08 11.01 -2.86
N SER B 176 10.67 9.86 -3.06
CA SER B 176 12.04 9.62 -2.70
C SER B 176 12.80 9.46 -3.99
N SER B 177 13.97 10.06 -4.03
CA SER B 177 14.83 9.91 -5.19
C SER B 177 16.15 9.43 -4.63
N THR B 178 16.56 8.26 -5.07
CA THR B 178 17.74 7.60 -4.53
C THR B 178 18.73 7.45 -5.64
N LEU B 179 19.89 8.02 -5.45
CA LEU B 179 21.00 7.91 -6.37
C LEU B 179 21.93 6.86 -5.78
N THR B 180 22.02 5.72 -6.43
CA THR B 180 22.83 4.62 -5.93
C THR B 180 24.12 4.60 -6.73
N LEU B 181 25.23 4.75 -6.02
CA LEU B 181 26.56 4.68 -6.58
C LEU B 181 27.30 3.53 -5.91
N THR B 182 28.42 3.14 -6.50
CA THR B 182 29.39 2.38 -5.72
C THR B 182 30.04 3.32 -4.73
N LYS B 183 30.58 2.75 -3.65
CA LYS B 183 31.34 3.57 -2.70
C LYS B 183 32.50 4.24 -3.40
N ASP B 184 33.19 3.50 -4.27
CA ASP B 184 34.33 4.07 -4.95
C ASP B 184 33.91 5.30 -5.74
N GLU B 185 32.81 5.20 -6.49
CA GLU B 185 32.37 6.34 -7.28
C GLU B 185 32.00 7.51 -6.38
N TYR B 186 31.21 7.23 -5.35
CA TYR B 186 30.76 8.28 -4.44
C TYR B 186 31.94 9.05 -3.86
N GLU B 187 33.01 8.35 -3.51
CA GLU B 187 34.16 9.01 -2.93
C GLU B 187 35.06 9.68 -3.96
N ARG B 188 34.80 9.48 -5.25
CA ARG B 188 35.52 10.23 -6.27
C ARG B 188 34.92 11.61 -6.52
N HIS B 189 33.90 12.00 -5.76
CA HIS B 189 33.27 13.29 -5.95
C HIS B 189 32.91 13.89 -4.59
N ASN B 190 32.66 15.19 -4.59
CA ASN B 190 32.46 15.93 -3.35
C ASN B 190 31.03 16.40 -3.17
N SER B 191 30.52 17.18 -4.12
CA SER B 191 29.22 17.82 -3.95
C SER B 191 28.14 16.94 -4.58
N TYR B 192 27.08 16.72 -3.81
CA TYR B 192 25.94 15.94 -4.22
C TYR B 192 24.71 16.81 -4.05
N THR B 193 23.94 16.95 -5.13
CA THR B 193 22.82 17.86 -5.16
C THR B 193 21.62 17.15 -5.75
N CYS B 194 20.47 17.30 -5.11
CA CYS B 194 19.22 16.97 -5.76
C CYS B 194 18.49 18.29 -5.95
N GLU B 195 18.00 18.50 -7.15
CA GLU B 195 17.29 19.70 -7.50
C GLU B 195 15.87 19.29 -7.80
N ALA B 196 14.94 19.84 -7.05
CA ALA B 196 13.52 19.55 -7.22
C ALA B 196 12.91 20.68 -8.02
N THR B 197 12.38 20.35 -9.17
CA THR B 197 11.64 21.32 -9.99
C THR B 197 10.18 20.94 -9.95
N HIS B 198 9.37 21.89 -9.53
CA HIS B 198 7.97 21.65 -9.31
C HIS B 198 7.25 22.93 -9.71
N LYS B 199 6.00 22.79 -10.14
CA LYS B 199 5.31 23.95 -10.70
C LYS B 199 5.11 25.07 -9.68
N THR B 200 5.25 24.79 -8.40
CA THR B 200 5.09 25.83 -7.38
C THR B 200 6.18 26.88 -7.42
N SER B 201 7.26 26.69 -8.19
CA SER B 201 8.25 27.73 -8.33
C SER B 201 9.07 27.54 -9.61
N THR B 202 9.46 28.65 -10.21
CA THR B 202 10.40 28.57 -11.32
C THR B 202 11.80 28.27 -10.85
N SER B 203 12.07 28.47 -9.55
CA SER B 203 13.39 28.23 -9.00
C SER B 203 13.42 26.81 -8.44
N PRO B 204 14.28 25.93 -8.93
CA PRO B 204 14.42 24.62 -8.30
C PRO B 204 14.71 24.76 -6.83
N ILE B 205 14.15 23.85 -6.05
CA ILE B 205 14.59 23.65 -4.68
C ILE B 205 15.83 22.78 -4.74
N VAL B 206 16.91 23.28 -4.17
CA VAL B 206 18.22 22.66 -4.29
C VAL B 206 18.67 22.25 -2.90
N LYS B 207 18.99 20.98 -2.74
CA LYS B 207 19.56 20.51 -1.49
C LYS B 207 20.86 19.80 -1.83
N SER B 208 21.88 20.09 -1.03
CA SER B 208 23.23 19.66 -1.35
C SER B 208 23.97 19.30 -0.09
N PHE B 209 25.00 18.50 -0.28
CA PHE B 209 26.02 18.34 0.73
C PHE B 209 27.34 18.11 0.02
N ASN B 210 28.40 18.43 0.72
CA ASN B 210 29.75 18.16 0.26
C ASN B 210 30.29 17.01 1.09
N ARG B 211 30.77 15.97 0.41
CA ARG B 211 31.25 14.80 1.13
C ARG B 211 32.31 15.17 2.15
N ASN B 212 33.06 16.25 1.90
CA ASN B 212 34.08 16.69 2.85
C ASN B 212 33.46 17.16 4.16
N GLU B 213 32.54 18.14 4.09
CA GLU B 213 31.86 18.65 5.27
C GLU B 213 31.13 19.95 4.93
#